data_7USO
#
_entry.id   7USO
#
_cell.length_a   50.268
_cell.length_b   66.241
_cell.length_c   82.863
_cell.angle_alpha   90.000
_cell.angle_beta   91.330
_cell.angle_gamma   90.000
#
_symmetry.space_group_name_H-M   'P 1 21 1'
#
loop_
_entity.id
_entity.type
_entity.pdbx_description
1 polymer 'Caspase-3 subunit p17'
2 polymer 'Caspase-3 subunit p12'
3 polymer 'Peptide Inhibitor AcITVKD-CHO'
4 water water
#
loop_
_entity_poly.entity_id
_entity_poly.type
_entity_poly.pdbx_seq_one_letter_code
_entity_poly.pdbx_strand_id
1 'polypeptide(L)'
;SGISLDNSYKMDYPEMGLCIIINNKNFHKSTGMTSRSGTDVDAANLRETFRNLKYEVRNKNDLTREEIVELMRDVSKEDH
SKRSSFVCVLLSHGEEGIIFGTNGPVDLKKITNFFRGDRCRSLTGKPKLFIIQACRGTELDCGIETD
;
A,C
2 'polypeptide(L)'
;SGVDDDMACHKIPVEADFLYAYSTAPGYYSWRNSKDGSWFIQSLCAMLKQYADKLEFMHILTRVNRKVATEFESFSFDAT
FHAKKQIPCIVSMLTKELYFYH
;
B,D
3 'polypeptide(L)' (ACE)ITVKD F,G
#
# COMPACT_ATOMS: atom_id res chain seq x y z
N ASN A 7 -5.16 -17.23 -8.32
CA ASN A 7 -4.04 -18.12 -8.51
C ASN A 7 -2.74 -17.36 -8.19
N SER A 8 -1.58 -17.87 -8.63
CA SER A 8 -0.32 -17.46 -8.02
C SER A 8 0.78 -17.40 -9.08
N TYR A 9 1.72 -16.48 -8.86
CA TYR A 9 2.80 -16.27 -9.82
C TYR A 9 3.55 -17.56 -10.07
N LYS A 10 3.89 -17.78 -11.34
CA LYS A 10 4.74 -18.89 -11.73
C LYS A 10 6.16 -18.62 -11.23
N MET A 11 6.65 -19.47 -10.33
CA MET A 11 7.94 -19.27 -9.67
C MET A 11 8.95 -20.35 -10.03
N ASP A 12 8.72 -21.10 -11.12
CA ASP A 12 9.58 -22.23 -11.46
C ASP A 12 10.28 -22.01 -12.80
N TYR A 13 10.51 -20.75 -13.18
CA TYR A 13 11.46 -20.43 -14.24
C TYR A 13 12.84 -20.95 -13.88
N PRO A 14 13.75 -21.03 -14.84
CA PRO A 14 15.11 -21.51 -14.51
C PRO A 14 15.74 -20.81 -13.31
N GLU A 15 15.54 -19.51 -13.13
CA GLU A 15 16.11 -18.79 -12.00
C GLU A 15 15.05 -17.96 -11.28
N MET A 16 15.28 -17.73 -9.99
CA MET A 16 14.36 -16.91 -9.22
C MET A 16 14.39 -15.45 -9.69
N GLY A 17 15.55 -14.97 -10.09
CA GLY A 17 15.72 -13.61 -10.56
C GLY A 17 16.81 -12.89 -9.81
N LEU A 18 16.97 -11.63 -10.15
CA LEU A 18 17.96 -10.78 -9.51
C LEU A 18 17.43 -10.22 -8.20
N CYS A 19 18.35 -10.00 -7.27
CA CYS A 19 18.07 -9.21 -6.07
C CYS A 19 19.15 -8.14 -5.98
N ILE A 20 18.79 -6.90 -6.23
CA ILE A 20 19.71 -5.78 -6.31
C ILE A 20 19.62 -5.04 -4.98
N ILE A 21 20.76 -4.87 -4.32
CA ILE A 21 20.82 -4.26 -3.01
C ILE A 21 21.67 -3.01 -3.11
N ILE A 22 21.04 -1.86 -2.97
CA ILE A 22 21.75 -0.58 -2.99
C ILE A 22 21.85 -0.11 -1.55
N ASN A 23 23.07 -0.08 -1.04
CA ASN A 23 23.37 0.16 0.35
C ASN A 23 24.18 1.45 0.44
N ASN A 24 23.54 2.56 0.77
CA ASN A 24 24.21 3.87 0.83
C ASN A 24 24.49 4.17 2.30
N LYS A 25 25.76 4.07 2.70
CA LYS A 25 26.17 4.38 4.07
C LYS A 25 26.74 5.79 4.22
N ASN A 26 27.64 6.18 3.33
CA ASN A 26 28.44 7.39 3.46
C ASN A 26 27.97 8.41 2.44
N PHE A 27 27.50 9.55 2.92
CA PHE A 27 26.98 10.60 2.06
C PHE A 27 27.96 11.76 1.98
N HIS A 28 27.96 12.44 0.83
CA HIS A 28 28.77 13.64 0.67
C HIS A 28 28.39 14.65 1.73
N LYS A 29 29.41 15.30 2.32
CA LYS A 29 29.13 16.24 3.39
C LYS A 29 28.32 17.45 2.92
N SER A 30 28.46 17.84 1.65
CA SER A 30 27.63 18.92 1.09
C SER A 30 26.13 18.66 1.20
N THR A 31 25.69 17.41 1.38
CA THR A 31 24.27 17.11 1.58
C THR A 31 23.80 17.33 3.01
N GLY A 32 24.70 17.48 3.97
CA GLY A 32 24.28 17.54 5.36
C GLY A 32 23.62 16.27 5.85
N MET A 33 24.07 15.11 5.38
CA MET A 33 23.46 13.85 5.77
C MET A 33 24.42 12.99 6.58
N THR A 34 23.96 12.55 7.75
CA THR A 34 24.71 11.65 8.62
C THR A 34 24.96 10.30 7.93
N SER A 35 26.01 9.62 8.36
CA SER A 35 26.29 8.30 7.82
C SER A 35 25.42 7.27 8.54
N ARG A 36 25.04 6.22 7.81
CA ARG A 36 23.97 5.32 8.27
C ARG A 36 24.59 4.06 8.87
N SER A 37 25.16 4.21 10.07
CA SER A 37 25.87 3.08 10.67
C SER A 37 24.89 1.98 11.01
N GLY A 38 25.30 0.72 10.73
CA GLY A 38 24.44 -0.42 10.87
C GLY A 38 23.88 -0.93 9.55
N THR A 39 23.74 -0.05 8.55
CA THR A 39 23.25 -0.48 7.23
C THR A 39 24.07 -1.61 6.64
N ASP A 40 25.34 -1.76 7.04
CA ASP A 40 26.16 -2.87 6.55
C ASP A 40 25.67 -4.20 7.10
N VAL A 41 25.19 -4.20 8.34
CA VAL A 41 24.57 -5.39 8.90
C VAL A 41 23.31 -5.75 8.13
N ASP A 42 22.48 -4.74 7.83
CA ASP A 42 21.28 -4.95 7.01
C ASP A 42 21.64 -5.55 5.65
N ALA A 43 22.61 -4.94 4.95
CA ALA A 43 22.93 -5.40 3.61
C ALA A 43 23.40 -6.85 3.62
N ALA A 44 24.16 -7.24 4.65
CA ALA A 44 24.63 -8.62 4.76
C ALA A 44 23.53 -9.57 5.17
N ASN A 45 22.64 -9.14 6.07
CA ASN A 45 21.45 -9.92 6.38
C ASN A 45 20.64 -10.21 5.12
N LEU A 46 20.41 -9.17 4.31
CA LEU A 46 19.63 -9.32 3.09
C LEU A 46 20.34 -10.24 2.09
N ARG A 47 21.66 -10.12 2.00
CA ARG A 47 22.41 -10.99 1.09
C ARG A 47 22.17 -12.45 1.42
N GLU A 48 22.36 -12.83 2.70
CA GLU A 48 22.19 -14.23 3.08
C GLU A 48 20.74 -14.68 2.93
N THR A 49 19.78 -13.89 3.41
CA THR A 49 18.37 -14.22 3.24
C THR A 49 18.03 -14.53 1.78
N PHE A 50 18.40 -13.63 0.87
CA PHE A 50 17.96 -13.86 -0.50
C PHE A 50 18.80 -14.92 -1.21
N ARG A 51 20.06 -15.13 -0.77
CA ARG A 51 20.81 -16.29 -1.25
C ARG A 51 20.08 -17.59 -0.92
N ASN A 52 19.46 -17.67 0.26
CA ASN A 52 18.72 -18.86 0.67
C ASN A 52 17.43 -19.04 -0.11
N LEU A 53 16.87 -17.99 -0.69
CA LEU A 53 15.69 -18.12 -1.53
C LEU A 53 16.01 -18.30 -3.00
N LYS A 54 17.30 -18.29 -3.35
CA LYS A 54 17.86 -18.60 -4.67
C LYS A 54 17.92 -17.40 -5.61
N TYR A 55 17.95 -16.19 -5.05
CA TYR A 55 18.17 -15.03 -5.90
C TYR A 55 19.65 -14.82 -6.17
N GLU A 56 19.96 -14.41 -7.39
CA GLU A 56 21.29 -13.90 -7.67
C GLU A 56 21.38 -12.50 -7.06
N VAL A 57 22.05 -12.38 -5.92
CA VAL A 57 22.17 -11.12 -5.21
C VAL A 57 23.34 -10.31 -5.75
N ARG A 58 23.09 -9.05 -6.08
CA ARG A 58 24.14 -8.11 -6.48
C ARG A 58 24.12 -6.94 -5.50
N ASN A 59 25.18 -6.82 -4.70
CA ASN A 59 25.30 -5.74 -3.73
C ASN A 59 26.00 -4.53 -4.35
N LYS A 60 25.41 -3.34 -4.21
CA LYS A 60 26.04 -2.08 -4.60
C LYS A 60 26.24 -1.20 -3.39
N ASN A 61 27.32 -0.39 -3.40
CA ASN A 61 27.67 0.41 -2.24
C ASN A 61 27.90 1.87 -2.62
N ASP A 62 27.35 2.78 -1.81
CA ASP A 62 27.55 4.23 -1.93
C ASP A 62 27.46 4.73 -3.37
N LEU A 63 26.25 4.72 -3.92
CA LEU A 63 26.00 5.18 -5.28
C LEU A 63 25.47 6.60 -5.26
N THR A 64 25.95 7.42 -6.19
CA THR A 64 25.34 8.71 -6.41
C THR A 64 23.97 8.52 -7.03
N ARG A 65 23.18 9.59 -7.06
CA ARG A 65 21.86 9.44 -7.64
C ARG A 65 21.95 9.09 -9.12
N GLU A 66 22.98 9.59 -9.80
CA GLU A 66 23.18 9.24 -11.20
C GLU A 66 23.60 7.79 -11.37
N GLU A 67 24.40 7.26 -10.45
CA GLU A 67 24.74 5.84 -10.57
C GLU A 67 23.56 4.96 -10.23
N ILE A 68 22.67 5.42 -9.36
CA ILE A 68 21.44 4.67 -9.10
C ILE A 68 20.59 4.61 -10.36
N VAL A 69 20.36 5.76 -11.00
CA VAL A 69 19.52 5.79 -12.20
C VAL A 69 20.14 4.94 -13.30
N GLU A 70 21.47 5.00 -13.45
CA GLU A 70 22.12 4.28 -14.54
C GLU A 70 22.10 2.77 -14.31
N LEU A 71 22.39 2.35 -13.08
CA LEU A 71 22.30 0.92 -12.75
C LEU A 71 20.88 0.41 -13.00
N MET A 72 19.88 1.14 -12.51
CA MET A 72 18.49 0.71 -12.69
C MET A 72 18.13 0.63 -14.17
N ARG A 73 18.63 1.55 -15.00
CA ARG A 73 18.37 1.48 -16.44
C ARG A 73 19.01 0.22 -17.04
N ASP A 74 20.28 -0.02 -16.72
CA ASP A 74 21.02 -1.16 -17.30
C ASP A 74 20.36 -2.48 -16.96
N VAL A 75 19.95 -2.64 -15.70
CA VAL A 75 19.32 -3.88 -15.28
C VAL A 75 17.97 -4.05 -15.98
N SER A 76 17.23 -2.96 -16.13
CA SER A 76 15.93 -3.03 -16.79
C SER A 76 16.04 -3.40 -18.27
N LYS A 77 17.23 -3.26 -18.86
CA LYS A 77 17.47 -3.66 -20.23
C LYS A 77 18.15 -5.04 -20.32
N GLU A 78 18.45 -5.66 -19.18
CA GLU A 78 18.84 -7.06 -19.23
C GLU A 78 17.66 -7.91 -19.66
N ASP A 79 17.96 -9.12 -20.14
CA ASP A 79 16.93 -10.05 -20.57
C ASP A 79 16.57 -10.95 -19.39
N HIS A 80 15.36 -10.77 -18.84
CA HIS A 80 14.91 -11.52 -17.67
C HIS A 80 14.03 -12.72 -18.05
N SER A 81 14.02 -13.10 -19.33
CA SER A 81 13.09 -14.11 -19.84
C SER A 81 13.09 -15.41 -19.04
N LYS A 82 14.23 -15.80 -18.48
CA LYS A 82 14.31 -17.04 -17.73
C LYS A 82 14.23 -16.82 -16.22
N ARG A 83 13.86 -15.63 -15.78
CA ARG A 83 13.79 -15.30 -14.37
C ARG A 83 12.34 -15.15 -13.93
N SER A 84 12.05 -15.58 -12.72
CA SER A 84 10.66 -15.60 -12.27
C SER A 84 10.23 -14.25 -11.75
N SER A 85 11.14 -13.48 -11.16
CA SER A 85 10.79 -12.29 -10.42
C SER A 85 11.94 -11.30 -10.49
N PHE A 86 11.78 -10.20 -9.78
CA PHE A 86 12.80 -9.17 -9.63
C PHE A 86 12.63 -8.54 -8.26
N VAL A 87 13.72 -8.39 -7.54
CA VAL A 87 13.71 -7.80 -6.21
C VAL A 87 14.76 -6.71 -6.15
N CYS A 88 14.38 -5.53 -5.64
CA CYS A 88 15.28 -4.40 -5.47
C CYS A 88 15.17 -3.86 -4.05
N VAL A 89 16.30 -3.78 -3.33
CA VAL A 89 16.35 -3.27 -1.96
C VAL A 89 17.15 -1.96 -1.92
N LEU A 90 16.51 -0.91 -1.43
CA LEU A 90 17.12 0.41 -1.34
C LEU A 90 17.27 0.75 0.15
N LEU A 91 18.52 0.87 0.61
CA LEU A 91 18.83 1.28 1.98
C LEU A 91 19.47 2.67 1.93
N SER A 92 18.73 3.69 2.37
CA SER A 92 19.28 5.03 2.30
C SER A 92 18.46 5.98 3.17
N HIS A 93 18.84 7.25 3.13
CA HIS A 93 17.99 8.31 3.64
C HIS A 93 16.88 8.56 2.63
N GLY A 94 15.78 9.11 3.12
CA GLY A 94 14.75 9.49 2.18
C GLY A 94 13.75 10.46 2.77
N GLU A 95 12.82 10.87 1.90
CA GLU A 95 11.62 11.61 2.23
C GLU A 95 10.52 11.00 1.38
N GLU A 96 9.30 11.53 1.52
CA GLU A 96 8.17 10.97 0.79
C GLU A 96 8.42 11.04 -0.72
N GLY A 97 8.39 9.87 -1.37
CA GLY A 97 8.59 9.76 -2.80
C GLY A 97 10.05 9.75 -3.24
N ILE A 98 10.98 9.90 -2.31
CA ILE A 98 12.36 10.23 -2.64
C ILE A 98 13.33 9.31 -1.91
N ILE A 99 14.35 8.85 -2.63
CA ILE A 99 15.49 8.14 -2.07
C ILE A 99 16.74 8.94 -2.40
N PHE A 100 17.73 8.92 -1.49
CA PHE A 100 18.95 9.71 -1.63
C PHE A 100 20.10 8.84 -2.10
N GLY A 101 20.72 9.22 -3.21
CA GLY A 101 22.06 8.80 -3.46
C GLY A 101 23.03 9.56 -2.54
N THR A 102 24.31 9.24 -2.69
CA THR A 102 25.33 9.84 -1.83
C THR A 102 25.42 11.35 -2.00
N ASN A 103 24.80 11.92 -3.05
CA ASN A 103 25.04 13.29 -3.46
C ASN A 103 23.76 14.07 -3.72
N GLY A 104 22.60 13.52 -3.40
CA GLY A 104 21.36 14.21 -3.68
C GLY A 104 20.18 13.29 -3.91
N PRO A 105 18.98 13.87 -3.90
CA PRO A 105 17.77 13.06 -3.94
C PRO A 105 17.47 12.59 -5.35
N VAL A 106 16.80 11.44 -5.43
CA VAL A 106 16.28 10.92 -6.69
C VAL A 106 14.89 10.37 -6.46
N ASP A 107 13.97 10.65 -7.39
CA ASP A 107 12.57 10.29 -7.21
C ASP A 107 12.40 8.78 -7.32
N LEU A 108 11.63 8.19 -6.40
CA LEU A 108 11.38 6.74 -6.44
C LEU A 108 10.69 6.33 -7.73
N LYS A 109 9.75 7.14 -8.21
CA LYS A 109 9.04 6.76 -9.42
C LYS A 109 9.96 6.77 -10.64
N LYS A 110 11.07 7.51 -10.61
CA LYS A 110 12.03 7.42 -11.69
C LYS A 110 12.67 6.03 -11.75
N ILE A 111 12.94 5.44 -10.59
CA ILE A 111 13.58 4.12 -10.55
C ILE A 111 12.58 3.04 -10.97
N THR A 112 11.37 3.09 -10.44
CA THR A 112 10.43 2.02 -10.68
C THR A 112 9.89 2.04 -12.11
N ASN A 113 9.86 3.23 -12.75
CA ASN A 113 9.31 3.36 -14.09
C ASN A 113 10.08 2.53 -15.11
N PHE A 114 11.38 2.33 -14.91
CA PHE A 114 12.14 1.50 -15.83
C PHE A 114 11.57 0.10 -15.94
N PHE A 115 10.80 -0.33 -14.95
CA PHE A 115 10.30 -1.71 -14.88
C PHE A 115 8.82 -1.79 -15.21
N ARG A 116 8.20 -0.68 -15.62
CA ARG A 116 6.80 -0.73 -16.04
C ARG A 116 6.57 -1.84 -17.05
N GLY A 117 5.32 -2.31 -17.11
CA GLY A 117 5.02 -3.44 -17.97
C GLY A 117 5.36 -3.19 -19.42
N ASP A 118 5.24 -1.94 -19.88
CA ASP A 118 5.56 -1.61 -21.27
C ASP A 118 7.04 -1.34 -21.49
N ARG A 119 7.81 -1.06 -20.44
CA ARG A 119 9.21 -0.70 -20.61
C ARG A 119 10.19 -1.84 -20.35
N CYS A 120 9.80 -2.90 -19.64
CA CYS A 120 10.68 -4.05 -19.41
C CYS A 120 9.87 -5.27 -19.81
N ARG A 121 9.90 -5.61 -21.09
CA ARG A 121 8.98 -6.61 -21.62
C ARG A 121 9.25 -7.98 -21.03
N SER A 122 10.51 -8.28 -20.73
CA SER A 122 10.84 -9.59 -20.22
C SER A 122 10.49 -9.77 -18.75
N LEU A 123 9.89 -8.76 -18.12
CA LEU A 123 9.36 -8.86 -16.76
C LEU A 123 7.86 -8.58 -16.70
N THR A 124 7.23 -8.29 -17.83
CA THR A 124 5.78 -8.14 -17.87
C THR A 124 5.12 -9.39 -17.29
N GLY A 125 4.16 -9.19 -16.39
CA GLY A 125 3.45 -10.31 -15.82
C GLY A 125 4.18 -11.02 -14.70
N LYS A 126 5.37 -10.55 -14.33
CA LYS A 126 6.13 -11.14 -13.24
C LYS A 126 6.26 -10.14 -12.08
N PRO A 127 6.28 -10.63 -10.84
CA PRO A 127 6.27 -9.72 -9.69
C PRO A 127 7.58 -8.96 -9.53
N LYS A 128 7.46 -7.65 -9.33
CA LYS A 128 8.58 -6.73 -9.16
C LYS A 128 8.48 -6.17 -7.74
N LEU A 129 9.40 -6.59 -6.87
CA LEU A 129 9.38 -6.27 -5.44
C LEU A 129 10.39 -5.16 -5.15
N PHE A 130 9.91 -4.06 -4.57
CA PHE A 130 10.78 -2.97 -4.11
C PHE A 130 10.69 -2.87 -2.58
N ILE A 131 11.80 -3.15 -1.92
CA ILE A 131 11.90 -3.07 -0.47
C ILE A 131 12.70 -1.81 -0.16
N ILE A 132 12.12 -0.91 0.63
CA ILE A 132 12.61 0.45 0.76
C ILE A 132 12.82 0.76 2.24
N GLN A 133 14.06 0.73 2.69
CA GLN A 133 14.39 1.15 4.05
C GLN A 133 14.86 2.59 3.91
N ALA A 134 14.00 3.54 4.30
CA ALA A 134 14.31 4.97 4.24
C ALA A 134 13.19 5.80 4.85
N CYS A 135 13.52 6.98 5.36
CA CYS A 135 12.47 7.84 5.91
C CYS A 135 11.55 8.30 4.79
N ARG A 136 10.34 8.71 5.19
CA ARG A 136 9.32 9.21 4.26
C ARG A 136 8.74 10.54 4.75
N GLY A 137 9.51 11.26 5.57
CA GLY A 137 9.11 12.52 6.16
C GLY A 137 9.63 12.60 7.58
N THR A 138 9.01 13.49 8.36
CA THR A 138 9.54 13.83 9.69
C THR A 138 8.48 13.72 10.77
N GLU A 139 7.40 13.01 10.52
CA GLU A 139 6.42 12.78 11.57
C GLU A 139 6.94 11.74 12.55
N LEU A 140 6.48 11.85 13.79
CA LEU A 140 6.91 10.99 14.89
C LEU A 140 5.70 10.24 15.44
N ASP A 141 5.79 8.92 15.52
CA ASP A 141 4.70 8.11 16.06
C ASP A 141 5.02 7.83 17.52
N CYS A 142 4.27 8.48 18.42
CA CYS A 142 4.52 8.32 19.86
C CYS A 142 3.85 7.08 20.43
N GLY A 143 3.03 6.38 19.65
CA GLY A 143 2.45 5.14 20.11
C GLY A 143 1.31 5.33 21.09
N ILE A 144 0.67 4.21 21.43
CA ILE A 144 -0.39 4.17 22.44
C ILE A 144 -0.26 2.83 23.17
N GLU A 145 -0.51 2.88 24.47
CA GLU A 145 -0.32 1.74 25.36
C GLU A 145 -1.52 0.79 25.34
N HIS B 10 -6.95 -9.23 -22.84
CA HIS B 10 -6.01 -8.69 -23.81
C HIS B 10 -4.78 -8.07 -23.13
N LYS B 11 -4.90 -6.85 -22.58
CA LYS B 11 -3.75 -6.19 -21.99
C LYS B 11 -3.90 -6.03 -20.48
N ILE B 12 -2.79 -5.63 -19.84
CA ILE B 12 -2.72 -5.37 -18.40
C ILE B 12 -2.19 -3.96 -18.14
N PRO B 13 -2.52 -3.32 -17.01
CA PRO B 13 -1.94 -2.01 -16.71
C PRO B 13 -0.43 -2.11 -16.64
N VAL B 14 0.25 -1.05 -17.08
CA VAL B 14 1.71 -1.02 -17.01
C VAL B 14 2.21 -0.87 -15.59
N GLU B 15 1.31 -0.51 -14.66
CA GLU B 15 1.64 -0.37 -13.25
C GLU B 15 1.33 -1.65 -12.46
N ALA B 16 0.73 -2.65 -13.10
CA ALA B 16 0.41 -3.87 -12.39
C ALA B 16 1.68 -4.63 -12.04
N ASP B 17 1.57 -5.47 -11.01
CA ASP B 17 2.57 -6.47 -10.65
C ASP B 17 3.79 -5.83 -9.98
N PHE B 18 3.61 -4.67 -9.35
CA PHE B 18 4.60 -4.10 -8.44
C PHE B 18 4.17 -4.35 -7.01
N LEU B 19 5.15 -4.49 -6.13
CA LEU B 19 4.95 -4.49 -4.69
C LEU B 19 6.03 -3.60 -4.09
N TYR B 20 5.62 -2.60 -3.32
CA TYR B 20 6.53 -1.71 -2.60
C TYR B 20 6.38 -2.03 -1.12
N ALA B 21 7.40 -2.64 -0.53
CA ALA B 21 7.43 -2.91 0.91
C ALA B 21 8.16 -1.74 1.56
N TYR B 22 7.40 -0.79 2.10
CA TYR B 22 8.00 0.35 2.76
C TYR B 22 8.23 0.01 4.22
N SER B 23 9.32 0.56 4.76
CA SER B 23 9.65 0.35 6.16
C SER B 23 8.77 1.17 7.07
N THR B 24 8.12 2.20 6.56
CA THR B 24 7.41 3.09 7.47
C THR B 24 6.19 3.68 6.78
N ALA B 25 5.24 4.12 7.60
CA ALA B 25 4.03 4.76 7.09
C ALA B 25 4.40 6.04 6.33
N PRO B 26 3.57 6.45 5.36
CA PRO B 26 3.86 7.68 4.61
C PRO B 26 3.92 8.90 5.53
N GLY B 27 4.90 9.75 5.29
CA GLY B 27 5.08 10.93 6.10
C GLY B 27 6.06 10.76 7.26
N TYR B 28 6.33 9.53 7.69
CA TYR B 28 6.97 9.30 8.97
C TYR B 28 8.45 8.96 8.84
N TYR B 29 9.15 9.10 9.97
CA TYR B 29 10.53 8.66 10.07
C TYR B 29 10.59 7.13 10.03
N SER B 30 11.71 6.60 9.57
CA SER B 30 12.05 5.18 9.72
C SER B 30 13.21 5.04 10.71
N TRP B 31 13.19 4.01 11.54
CA TRP B 31 14.16 3.87 12.62
C TRP B 31 15.19 2.79 12.32
N ARG B 32 16.41 3.03 12.79
CA ARG B 32 17.53 2.14 12.54
C ARG B 32 18.39 2.05 13.80
N ASN B 33 18.81 0.84 14.14
CA ASN B 33 19.69 0.66 15.28
C ASN B 33 21.15 0.73 14.82
N SER B 34 21.94 1.56 15.49
CA SER B 34 23.29 1.83 14.99
C SER B 34 24.18 0.58 14.95
N LYS B 35 23.82 -0.50 15.63
CA LYS B 35 24.61 -1.73 15.63
C LYS B 35 23.94 -2.89 14.93
N ASP B 36 22.62 -3.02 15.05
CA ASP B 36 21.90 -4.20 14.57
C ASP B 36 21.14 -3.99 13.29
N GLY B 37 21.16 -2.79 12.73
CA GLY B 37 20.48 -2.51 11.51
C GLY B 37 19.07 -1.98 11.70
N SER B 38 18.44 -1.67 10.57
CA SER B 38 17.11 -1.08 10.62
C SER B 38 16.11 -2.10 11.15
N TRP B 39 15.27 -1.66 12.08
CA TRP B 39 14.13 -2.44 12.57
C TRP B 39 13.44 -3.23 11.47
N PHE B 40 13.23 -2.60 10.33
CA PHE B 40 12.42 -3.20 9.28
C PHE B 40 13.18 -4.34 8.60
N ILE B 41 14.47 -4.13 8.30
CA ILE B 41 15.22 -5.17 7.59
C ILE B 41 15.53 -6.35 8.50
N GLN B 42 15.87 -6.07 9.76
CA GLN B 42 15.97 -7.14 10.75
C GLN B 42 14.75 -8.03 10.71
N SER B 43 13.58 -7.42 10.91
CA SER B 43 12.34 -8.17 10.99
C SER B 43 12.00 -8.86 9.68
N LEU B 44 12.28 -8.23 8.55
CA LEU B 44 11.99 -8.85 7.26
C LEU B 44 12.85 -10.11 7.04
N CYS B 45 14.14 -10.03 7.38
CA CYS B 45 15.02 -11.19 7.19
C CYS B 45 14.66 -12.31 8.15
N ALA B 46 14.30 -11.97 9.37
CA ALA B 46 13.88 -12.99 10.33
C ALA B 46 12.59 -13.68 9.88
N MET B 47 11.62 -12.91 9.39
CA MET B 47 10.36 -13.51 8.99
C MET B 47 10.51 -14.34 7.72
N LEU B 48 11.31 -13.87 6.76
CA LEU B 48 11.58 -14.68 5.56
C LEU B 48 12.26 -15.99 5.92
N LYS B 49 13.28 -15.93 6.78
CA LYS B 49 14.00 -17.15 7.19
C LYS B 49 13.06 -18.16 7.83
N GLN B 50 12.11 -17.70 8.62
CA GLN B 50 11.23 -18.60 9.34
C GLN B 50 10.05 -19.09 8.49
N TYR B 51 9.53 -18.26 7.58
CA TYR B 51 8.25 -18.56 6.93
C TYR B 51 8.27 -18.64 5.41
N ALA B 52 9.42 -18.45 4.74
CA ALA B 52 9.38 -18.37 3.29
C ALA B 52 9.05 -19.70 2.61
N ASP B 53 9.09 -20.81 3.33
CA ASP B 53 8.64 -22.09 2.77
C ASP B 53 7.27 -22.51 3.29
N LYS B 54 6.48 -21.57 3.79
CA LYS B 54 5.22 -21.85 4.45
C LYS B 54 4.15 -20.88 4.00
N LEU B 55 4.46 -19.58 4.10
CA LEU B 55 3.47 -18.53 3.98
C LEU B 55 3.63 -17.80 2.66
N GLU B 56 2.50 -17.25 2.20
CA GLU B 56 2.45 -16.31 1.11
C GLU B 56 3.13 -14.99 1.51
N PHE B 57 3.63 -14.27 0.51
CA PHE B 57 4.45 -13.08 0.77
C PHE B 57 3.71 -12.00 1.57
N MET B 58 2.46 -11.72 1.21
CA MET B 58 1.68 -10.73 1.96
C MET B 58 1.57 -11.12 3.43
N HIS B 59 1.44 -12.41 3.72
CA HIS B 59 1.30 -12.87 5.10
C HIS B 59 2.63 -12.80 5.84
N ILE B 60 3.75 -13.10 5.15
CA ILE B 60 5.06 -12.83 5.75
C ILE B 60 5.20 -11.34 6.06
N LEU B 61 4.81 -10.48 5.12
CA LEU B 61 4.97 -9.04 5.33
C LEU B 61 4.04 -8.53 6.43
N THR B 62 2.89 -9.17 6.63
CA THR B 62 1.99 -8.82 7.73
C THR B 62 2.57 -9.19 9.08
N ARG B 63 3.42 -10.22 9.10
CA ARG B 63 4.12 -10.60 10.32
C ARG B 63 5.29 -9.68 10.58
N VAL B 64 5.95 -9.22 9.52
CA VAL B 64 6.92 -8.13 9.66
C VAL B 64 6.26 -6.91 10.30
N ASN B 65 5.08 -6.53 9.82
CA ASN B 65 4.35 -5.39 10.42
C ASN B 65 4.17 -5.57 11.93
N ARG B 66 3.74 -6.76 12.35
CA ARG B 66 3.48 -6.97 13.76
C ARG B 66 4.77 -6.91 14.58
N LYS B 67 5.84 -7.56 14.08
CA LYS B 67 7.10 -7.57 14.81
C LYS B 67 7.63 -6.16 15.03
N VAL B 68 7.73 -5.37 13.95
CA VAL B 68 8.17 -3.98 14.07
C VAL B 68 7.25 -3.19 15.01
N ALA B 69 5.94 -3.35 14.82
CA ALA B 69 4.97 -2.56 15.58
C ALA B 69 5.00 -2.87 17.07
N THR B 70 5.25 -4.13 17.45
CA THR B 70 5.10 -4.51 18.85
C THR B 70 6.42 -4.69 19.59
N GLU B 71 7.52 -5.01 18.91
CA GLU B 71 8.76 -5.33 19.58
C GLU B 71 9.77 -4.20 19.62
N PHE B 72 9.59 -3.15 18.83
CA PHE B 72 10.60 -2.12 18.66
C PHE B 72 10.11 -0.79 19.21
N GLU B 73 10.97 -0.10 19.94
CA GLU B 73 10.69 1.24 20.42
C GLU B 73 12.01 1.99 20.54
N SER B 74 12.05 3.24 20.08
CA SER B 74 13.34 3.91 19.92
C SER B 74 13.98 4.25 21.26
N PHE B 75 15.30 4.14 21.32
CA PHE B 75 16.09 4.57 22.48
C PHE B 75 17.03 5.67 22.00
N SER B 76 16.84 6.88 22.51
CA SER B 76 17.60 8.04 22.06
C SER B 76 18.00 8.89 23.25
N PHE B 77 19.28 9.31 23.29
CA PHE B 77 19.72 10.29 24.29
C PHE B 77 19.07 11.64 24.07
N ASP B 78 18.46 11.86 22.90
CA ASP B 78 17.69 13.06 22.61
C ASP B 78 16.22 12.73 22.82
N ALA B 79 15.59 13.37 23.80
CA ALA B 79 14.23 13.02 24.19
C ALA B 79 13.25 13.16 23.02
N THR B 80 13.49 14.13 22.13
CA THR B 80 12.59 14.34 21.01
C THR B 80 12.47 13.08 20.16
N PHE B 81 13.55 12.30 20.07
CA PHE B 81 13.61 11.10 19.26
C PHE B 81 13.46 9.82 20.07
N HIS B 82 13.04 9.91 21.34
CA HIS B 82 13.06 8.77 22.24
C HIS B 82 11.65 8.20 22.45
N ALA B 83 11.57 6.86 22.55
CA ALA B 83 10.32 6.11 22.77
C ALA B 83 9.33 6.26 21.60
N LYS B 84 9.85 6.31 20.39
CA LYS B 84 9.03 6.37 19.19
C LYS B 84 8.76 4.98 18.62
N LYS B 85 7.70 4.89 17.82
CA LYS B 85 7.22 3.63 17.25
C LYS B 85 7.23 3.72 15.73
N GLN B 86 6.91 2.61 15.10
CA GLN B 86 6.99 2.49 13.64
C GLN B 86 6.04 1.38 13.17
N ILE B 87 5.30 1.65 12.11
CA ILE B 87 4.52 0.63 11.40
C ILE B 87 4.98 0.62 9.95
N PRO B 88 5.42 -0.51 9.42
CA PRO B 88 5.75 -0.58 7.99
C PRO B 88 4.48 -0.46 7.15
N CYS B 89 4.67 -0.38 5.84
CA CYS B 89 3.60 0.01 4.92
C CYS B 89 3.72 -0.82 3.66
N ILE B 90 2.81 -1.78 3.51
CA ILE B 90 2.78 -2.70 2.39
C ILE B 90 1.88 -2.09 1.31
N VAL B 91 2.43 -1.91 0.11
CA VAL B 91 1.72 -1.29 -1.01
C VAL B 91 1.79 -2.28 -2.17
N SER B 92 0.64 -2.89 -2.49
CA SER B 92 0.55 -3.99 -3.44
C SER B 92 -0.29 -3.61 -4.66
N MET B 93 0.35 -3.50 -5.81
CA MET B 93 -0.32 -3.63 -7.10
C MET B 93 -0.10 -5.00 -7.72
N LEU B 94 0.03 -6.04 -6.88
CA LEU B 94 0.19 -7.38 -7.42
C LEU B 94 -1.15 -7.95 -7.79
N THR B 95 -1.14 -8.96 -8.67
CA THR B 95 -2.38 -9.56 -9.15
C THR B 95 -2.46 -11.04 -8.85
N LYS B 96 -1.42 -11.62 -8.27
CA LYS B 96 -1.46 -13.01 -7.85
C LYS B 96 -0.70 -13.11 -6.54
N GLU B 97 -0.89 -14.22 -5.85
CA GLU B 97 -0.16 -14.54 -4.63
C GLU B 97 1.26 -15.01 -4.96
N LEU B 98 2.18 -14.79 -4.04
CA LEU B 98 3.60 -15.01 -4.29
C LEU B 98 4.12 -15.97 -3.24
N TYR B 99 4.63 -17.12 -3.69
CA TYR B 99 5.24 -18.14 -2.85
C TYR B 99 6.67 -18.36 -3.33
N PHE B 100 7.63 -18.37 -2.41
CA PHE B 100 9.04 -18.40 -2.74
C PHE B 100 9.60 -19.81 -2.95
N TYR B 101 8.79 -20.84 -2.89
CA TYR B 101 9.37 -22.16 -3.12
C TYR B 101 8.69 -22.81 -4.32
N ASP C 6 -1.15 -13.38 18.51
CA ASP C 6 -2.02 -14.16 17.62
C ASP C 6 -1.81 -13.74 16.16
N ASN C 7 -2.04 -14.68 15.24
CA ASN C 7 -1.90 -14.44 13.80
C ASN C 7 -3.11 -13.76 13.17
N SER C 8 -4.29 -13.89 13.77
CA SER C 8 -5.55 -13.42 13.19
C SER C 8 -6.23 -12.46 14.13
N TYR C 9 -6.79 -11.38 13.58
CA TYR C 9 -7.62 -10.49 14.38
C TYR C 9 -8.79 -11.24 15.00
N LYS C 10 -9.16 -10.85 16.22
CA LYS C 10 -10.34 -11.41 16.84
C LYS C 10 -11.58 -10.82 16.16
N MET C 11 -12.37 -11.67 15.52
CA MET C 11 -13.53 -11.24 14.75
C MET C 11 -14.82 -11.83 15.30
N ASP C 12 -14.80 -12.34 16.52
CA ASP C 12 -15.98 -12.90 17.18
C ASP C 12 -16.42 -12.05 18.36
N TYR C 13 -16.21 -10.73 18.27
CA TYR C 13 -16.92 -9.81 19.14
C TYR C 13 -18.43 -9.96 18.91
N PRO C 14 -19.26 -9.46 19.83
CA PRO C 14 -20.71 -9.52 19.60
C PRO C 14 -21.13 -9.03 18.23
N GLU C 15 -20.55 -7.93 17.73
CA GLU C 15 -20.89 -7.39 16.41
C GLU C 15 -19.65 -7.23 15.56
N MET C 16 -19.81 -7.37 14.24
CA MET C 16 -18.68 -7.18 13.36
C MET C 16 -18.23 -5.73 13.30
N GLY C 17 -19.16 -4.78 13.41
CA GLY C 17 -18.81 -3.37 13.41
C GLY C 17 -19.65 -2.57 12.44
N LEU C 18 -19.34 -1.28 12.39
CA LEU C 18 -19.99 -0.36 11.46
C LEU C 18 -19.38 -0.47 10.08
N CYS C 19 -20.21 -0.25 9.07
CA CYS C 19 -19.73 -0.03 7.71
C CYS C 19 -20.39 1.24 7.19
N ILE C 20 -19.63 2.34 7.14
CA ILE C 20 -20.14 3.65 6.73
C ILE C 20 -19.85 3.85 5.26
N ILE C 21 -20.90 4.13 4.48
CA ILE C 21 -20.79 4.34 3.05
C ILE C 21 -21.13 5.81 2.77
N ILE C 22 -20.17 6.58 2.30
CA ILE C 22 -20.38 7.95 1.89
C ILE C 22 -20.45 7.97 0.37
N ASN C 23 -21.66 8.15 -0.17
CA ASN C 23 -21.90 8.14 -1.60
C ASN C 23 -22.20 9.56 -2.05
N ASN C 24 -21.27 10.17 -2.77
CA ASN C 24 -21.42 11.54 -3.28
C ASN C 24 -21.64 11.46 -4.78
N LYS C 25 -22.88 11.65 -5.20
CA LYS C 25 -23.23 11.59 -6.62
C LYS C 25 -23.32 12.96 -7.26
N ASN C 26 -23.98 13.90 -6.59
CA ASN C 26 -24.25 15.23 -7.14
C ASN C 26 -23.47 16.28 -6.37
N PHE C 27 -22.80 17.16 -7.10
CA PHE C 27 -21.96 18.17 -6.50
C PHE C 27 -22.55 19.56 -6.72
N HIS C 28 -21.99 20.54 -6.04
CA HIS C 28 -22.48 21.90 -6.16
C HIS C 28 -22.07 22.50 -7.49
N LYS C 29 -22.93 23.36 -8.02
CA LYS C 29 -22.65 24.02 -9.29
C LYS C 29 -21.35 24.81 -9.23
N SER C 30 -21.01 25.35 -8.06
CA SER C 30 -19.75 26.07 -7.89
C SER C 30 -18.53 25.13 -7.83
N THR C 31 -18.70 23.82 -8.02
CA THR C 31 -17.56 22.92 -8.17
C THR C 31 -17.29 22.53 -9.61
N GLY C 32 -18.30 22.62 -10.47
CA GLY C 32 -18.16 22.31 -11.89
C GLY C 32 -18.03 20.84 -12.25
N MET C 33 -17.87 19.95 -11.27
CA MET C 33 -17.62 18.55 -11.62
C MET C 33 -18.91 17.81 -11.92
N THR C 34 -18.86 16.99 -12.98
CA THR C 34 -19.99 16.26 -13.50
C THR C 34 -20.63 15.36 -12.43
N SER C 35 -21.91 15.06 -12.65
CA SER C 35 -22.61 14.10 -11.83
C SER C 35 -21.98 12.71 -12.01
N ARG C 36 -21.98 11.91 -10.94
CA ARG C 36 -21.27 10.62 -10.96
C ARG C 36 -22.29 9.49 -11.17
N SER C 37 -22.58 9.19 -12.43
CA SER C 37 -23.54 8.14 -12.75
C SER C 37 -23.01 6.76 -12.38
N GLY C 38 -23.89 5.92 -11.80
CA GLY C 38 -23.56 4.56 -11.46
C GLY C 38 -23.19 4.34 -10.01
N THR C 39 -22.73 5.39 -9.32
CA THR C 39 -22.33 5.29 -7.93
C THR C 39 -23.48 4.80 -7.03
N ASP C 40 -24.73 4.99 -7.46
CA ASP C 40 -25.86 4.43 -6.71
C ASP C 40 -25.88 2.92 -6.81
N VAL C 41 -25.46 2.37 -7.95
CA VAL C 41 -25.33 0.92 -8.03
C VAL C 41 -24.18 0.44 -7.13
N ASP C 42 -23.05 1.15 -7.12
CA ASP C 42 -21.96 0.80 -6.21
C ASP C 42 -22.43 0.82 -4.76
N ALA C 43 -23.07 1.92 -4.33
CA ALA C 43 -23.48 2.04 -2.94
C ALA C 43 -24.49 0.98 -2.55
N ALA C 44 -25.35 0.57 -3.49
CA ALA C 44 -26.31 -0.50 -3.19
C ALA C 44 -25.63 -1.85 -3.19
N ASN C 45 -24.69 -2.09 -4.11
CA ASN C 45 -23.88 -3.31 -4.07
C ASN C 45 -23.14 -3.44 -2.74
N LEU C 46 -22.49 -2.37 -2.29
CA LEU C 46 -21.72 -2.39 -1.04
C LEU C 46 -22.62 -2.68 0.15
N ARG C 47 -23.81 -2.09 0.17
CA ARG C 47 -24.73 -2.31 1.28
C ARG C 47 -25.08 -3.78 1.42
N GLU C 48 -25.37 -4.43 0.30
CA GLU C 48 -25.76 -5.83 0.36
C GLU C 48 -24.56 -6.73 0.65
N THR C 49 -23.37 -6.38 0.13
CA THR C 49 -22.21 -7.21 0.39
C THR C 49 -21.88 -7.23 1.87
N PHE C 50 -21.90 -6.05 2.50
CA PHE C 50 -21.48 -5.97 3.89
C PHE C 50 -22.59 -6.40 4.86
N ARG C 51 -23.86 -6.32 4.46
CA ARG C 51 -24.90 -6.96 5.25
C ARG C 51 -24.68 -8.47 5.31
N ASN C 52 -24.27 -9.08 4.20
CA ASN C 52 -24.03 -10.52 4.25
C ASN C 52 -22.83 -10.86 5.10
N LEU C 53 -21.93 -9.92 5.35
CA LEU C 53 -20.83 -10.12 6.29
C LEU C 53 -21.16 -9.62 7.69
N LYS C 54 -22.42 -9.27 7.95
CA LYS C 54 -22.93 -8.95 9.29
C LYS C 54 -22.43 -7.61 9.81
N TYR C 55 -22.17 -6.66 8.94
CA TYR C 55 -21.87 -5.31 9.37
C TYR C 55 -23.14 -4.47 9.43
N GLU C 56 -23.12 -3.51 10.35
CA GLU C 56 -24.16 -2.50 10.48
C GLU C 56 -23.88 -1.43 9.44
N VAL C 57 -24.57 -1.49 8.31
CA VAL C 57 -24.31 -0.55 7.22
C VAL C 57 -25.08 0.74 7.44
N ARG C 58 -24.39 1.87 7.31
CA ARG C 58 -24.99 3.21 7.40
C ARG C 58 -24.68 3.97 6.11
N ASN C 59 -25.64 4.01 5.17
CA ASN C 59 -25.47 4.78 3.95
C ASN C 59 -25.69 6.27 4.19
N LYS C 60 -24.79 7.09 3.66
CA LYS C 60 -24.94 8.54 3.60
C LYS C 60 -24.90 8.96 2.14
N ASN C 61 -25.66 9.99 1.79
CA ASN C 61 -25.67 10.50 0.42
C ASN C 61 -25.32 11.99 0.37
N ASP C 62 -24.65 12.38 -0.72
CA ASP C 62 -24.30 13.76 -1.04
C ASP C 62 -23.95 14.58 0.19
N LEU C 63 -22.84 14.27 0.84
CA LEU C 63 -22.39 15.01 2.01
C LEU C 63 -21.43 16.11 1.60
N THR C 64 -21.55 17.26 2.27
CA THR C 64 -20.58 18.31 2.07
C THR C 64 -19.29 17.98 2.81
N ARG C 65 -18.23 18.69 2.46
CA ARG C 65 -16.93 18.41 3.04
C ARG C 65 -16.93 18.59 4.56
N GLU C 66 -17.72 19.52 5.08
CA GLU C 66 -17.84 19.64 6.53
C GLU C 66 -18.77 18.59 7.13
N GLU C 67 -19.80 18.19 6.40
CA GLU C 67 -20.63 17.10 6.89
C GLU C 67 -19.85 15.79 6.96
N ILE C 68 -18.92 15.57 6.01
CA ILE C 68 -18.07 14.38 6.08
C ILE C 68 -17.23 14.41 7.35
N VAL C 69 -16.49 15.50 7.55
CA VAL C 69 -15.60 15.61 8.70
C VAL C 69 -16.39 15.46 9.99
N GLU C 70 -17.61 16.00 10.03
CA GLU C 70 -18.44 15.89 11.23
C GLU C 70 -18.90 14.46 11.45
N LEU C 71 -19.40 13.82 10.39
CA LEU C 71 -19.83 12.43 10.52
C LEU C 71 -18.67 11.56 10.98
N MET C 72 -17.49 11.75 10.41
CA MET C 72 -16.34 10.95 10.84
C MET C 72 -15.98 11.22 12.30
N ARG C 73 -16.11 12.47 12.76
CA ARG C 73 -15.77 12.77 14.14
C ARG C 73 -16.74 12.11 15.10
N ASP C 74 -18.04 12.27 14.85
CA ASP C 74 -19.06 11.66 15.71
C ASP C 74 -18.88 10.14 15.76
N VAL C 75 -18.73 9.51 14.60
CA VAL C 75 -18.50 8.06 14.59
C VAL C 75 -17.26 7.70 15.39
N SER C 76 -16.21 8.52 15.30
CA SER C 76 -15.00 8.20 16.04
C SER C 76 -15.20 8.26 17.55
N LYS C 77 -16.20 9.01 18.03
CA LYS C 77 -16.47 9.13 19.45
C LYS C 77 -17.45 8.07 19.94
N GLU C 78 -18.00 7.26 19.04
CA GLU C 78 -18.86 6.16 19.45
C GLU C 78 -18.07 5.14 20.26
N ASP C 79 -18.79 4.16 20.79
CA ASP C 79 -18.19 3.11 21.60
C ASP C 79 -18.16 1.80 20.81
N HIS C 80 -16.97 1.41 20.34
CA HIS C 80 -16.81 0.21 19.53
C HIS C 80 -16.31 -1.00 20.32
N SER C 81 -16.51 -1.00 21.65
CA SER C 81 -15.89 -2.02 22.49
C SER C 81 -16.42 -3.42 22.18
N LYS C 82 -17.65 -3.53 21.70
CA LYS C 82 -18.18 -4.84 21.31
C LYS C 82 -18.20 -5.03 19.79
N ARG C 83 -17.39 -4.25 19.06
CA ARG C 83 -17.29 -4.36 17.61
C ARG C 83 -15.93 -4.91 17.22
N SER C 84 -15.90 -5.78 16.21
CA SER C 84 -14.65 -6.41 15.82
C SER C 84 -13.77 -5.48 14.98
N SER C 85 -14.37 -4.65 14.14
CA SER C 85 -13.63 -3.88 13.16
C SER C 85 -14.39 -2.60 12.85
N PHE C 86 -13.85 -1.81 11.93
CA PHE C 86 -14.51 -0.64 11.41
C PHE C 86 -14.21 -0.51 9.93
N VAL C 87 -15.25 -0.23 9.14
CA VAL C 87 -15.16 -0.09 7.69
C VAL C 87 -15.75 1.25 7.30
N CYS C 88 -15.07 1.94 6.37
CA CYS C 88 -15.56 3.18 5.79
C CYS C 88 -15.30 3.14 4.30
N VAL C 89 -16.34 3.38 3.50
CA VAL C 89 -16.24 3.40 2.05
C VAL C 89 -16.56 4.82 1.58
N LEU C 90 -15.73 5.34 0.67
CA LEU C 90 -15.88 6.69 0.14
C LEU C 90 -15.98 6.60 -1.38
N LEU C 91 -17.13 7.00 -1.92
CA LEU C 91 -17.35 7.05 -3.37
C LEU C 91 -17.50 8.52 -3.79
N SER C 92 -16.56 9.02 -4.59
CA SER C 92 -16.56 10.46 -4.87
C SER C 92 -15.49 10.78 -5.92
N HIS C 93 -15.43 12.05 -6.28
CA HIS C 93 -14.30 12.57 -7.02
C HIS C 93 -13.12 12.72 -6.07
N GLY C 94 -11.93 12.75 -6.64
CA GLY C 94 -10.76 12.88 -5.79
C GLY C 94 -9.54 13.30 -6.58
N GLU C 95 -8.46 13.50 -5.82
CA GLU C 95 -7.08 13.63 -6.29
C GLU C 95 -6.19 12.99 -5.24
N GLU C 96 -4.88 12.92 -5.52
CA GLU C 96 -3.97 12.28 -4.57
C GLU C 96 -4.10 12.88 -3.19
N GLY C 97 -4.48 12.05 -2.22
CA GLY C 97 -4.59 12.48 -0.84
C GLY C 97 -5.94 13.03 -0.47
N ILE C 98 -6.88 13.12 -1.42
CA ILE C 98 -7.99 14.05 -1.30
C ILE C 98 -9.27 13.39 -1.77
N ILE C 99 -10.32 13.50 -0.96
CA ILE C 99 -11.68 13.08 -1.29
C ILE C 99 -12.54 14.34 -1.30
N PHE C 100 -13.51 14.39 -2.20
CA PHE C 100 -14.31 15.58 -2.42
C PHE C 100 -15.66 15.46 -1.72
N GLY C 101 -15.98 16.46 -0.91
CA GLY C 101 -17.37 16.68 -0.54
C GLY C 101 -18.10 17.26 -1.74
N THR C 102 -19.42 17.42 -1.58
CA THR C 102 -20.24 18.02 -2.63
C THR C 102 -19.88 19.48 -2.88
N ASN C 103 -19.04 20.08 -2.04
CA ASN C 103 -18.70 21.49 -2.16
C ASN C 103 -17.19 21.74 -2.16
N GLY C 104 -16.36 20.70 -2.23
CA GLY C 104 -14.93 20.92 -2.23
C GLY C 104 -14.11 19.78 -1.62
N PRO C 105 -12.80 19.99 -1.53
CA PRO C 105 -11.90 18.92 -1.10
C PRO C 105 -11.76 18.82 0.40
N VAL C 106 -11.56 17.58 0.86
CA VAL C 106 -11.12 17.24 2.22
C VAL C 106 -9.85 16.42 2.10
N ASP C 107 -8.91 16.64 3.02
CA ASP C 107 -7.75 15.75 3.07
C ASP C 107 -8.20 14.39 3.54
N LEU C 108 -7.67 13.34 2.89
CA LEU C 108 -7.97 12.00 3.38
C LEU C 108 -7.37 11.78 4.76
N LYS C 109 -6.24 12.40 5.06
CA LYS C 109 -5.61 12.20 6.36
C LYS C 109 -6.46 12.80 7.48
N LYS C 110 -7.18 13.89 7.19
CA LYS C 110 -8.12 14.44 8.17
C LYS C 110 -9.19 13.43 8.57
N ILE C 111 -9.72 12.69 7.60
CA ILE C 111 -10.75 11.71 7.90
C ILE C 111 -10.18 10.57 8.73
N THR C 112 -9.09 9.96 8.26
CA THR C 112 -8.59 8.77 8.96
C THR C 112 -7.98 9.10 10.31
N ASN C 113 -7.55 10.35 10.54
CA ASN C 113 -6.89 10.67 11.81
C ASN C 113 -7.82 10.54 13.00
N PHE C 114 -9.13 10.65 12.79
CA PHE C 114 -10.07 10.49 13.89
C PHE C 114 -10.00 9.09 14.50
N PHE C 115 -9.39 8.14 13.78
CA PHE C 115 -9.39 6.74 14.19
C PHE C 115 -8.00 6.23 14.55
N ARG C 116 -7.02 7.12 14.65
CA ARG C 116 -5.70 6.74 15.16
C ARG C 116 -5.85 6.04 16.51
N GLY C 117 -4.92 5.13 16.79
CA GLY C 117 -5.05 4.27 17.97
C GLY C 117 -5.09 5.03 19.27
N ASP C 118 -4.55 6.25 19.31
CA ASP C 118 -4.59 7.06 20.53
C ASP C 118 -5.81 7.96 20.61
N ARG C 119 -6.49 8.19 19.48
CA ARG C 119 -7.65 9.07 19.38
C ARG C 119 -8.98 8.33 19.37
N CYS C 120 -9.00 7.01 19.18
CA CYS C 120 -10.26 6.26 19.24
C CYS C 120 -9.93 4.95 19.93
N ARG C 121 -9.89 4.99 21.27
CA ARG C 121 -9.31 3.89 22.04
C ARG C 121 -10.15 2.64 21.94
N SER C 122 -11.45 2.77 21.71
CA SER C 122 -12.25 1.56 21.63
C SER C 122 -12.04 0.83 20.32
N LEU C 123 -11.18 1.34 19.44
CA LEU C 123 -10.79 0.66 18.21
C LEU C 123 -9.31 0.32 18.16
N THR C 124 -8.58 0.54 19.25
CA THR C 124 -7.13 0.29 19.24
C THR C 124 -6.87 -1.20 19.06
N GLY C 125 -5.97 -1.55 18.16
CA GLY C 125 -5.72 -2.95 17.95
C GLY C 125 -6.78 -3.65 17.13
N LYS C 126 -7.71 -2.91 16.53
CA LYS C 126 -8.72 -3.52 15.68
C LYS C 126 -8.58 -3.01 14.25
N PRO C 127 -8.86 -3.87 13.26
CA PRO C 127 -8.64 -3.47 11.86
C PRO C 127 -9.60 -2.37 11.44
N LYS C 128 -9.04 -1.28 10.93
CA LYS C 128 -9.82 -0.17 10.41
C LYS C 128 -9.59 -0.12 8.90
N LEU C 129 -10.65 -0.39 8.14
CA LEU C 129 -10.58 -0.52 6.68
C LEU C 129 -11.14 0.73 6.02
N PHE C 130 -10.41 1.25 5.04
CA PHE C 130 -10.87 2.37 4.21
C PHE C 130 -10.81 1.95 2.76
N ILE C 131 -11.98 1.93 2.12
CA ILE C 131 -12.17 1.57 0.72
C ILE C 131 -12.50 2.88 -0.01
N ILE C 132 -11.67 3.25 -0.97
CA ILE C 132 -11.70 4.60 -1.56
C ILE C 132 -11.86 4.46 -3.06
N GLN C 133 -13.06 4.70 -3.56
CA GLN C 133 -13.29 4.85 -5.00
C GLN C 133 -13.24 6.35 -5.30
N ALA C 134 -12.14 6.79 -5.93
CA ALA C 134 -11.89 8.19 -6.22
C ALA C 134 -10.60 8.33 -7.00
N CYS C 135 -10.54 9.27 -7.93
CA CYS C 135 -9.31 9.44 -8.70
C CYS C 135 -8.20 9.90 -7.76
N ARG C 136 -6.96 9.65 -8.18
CA ARG C 136 -5.80 10.11 -7.42
C ARG C 136 -4.85 10.90 -8.30
N GLY C 137 -5.38 11.59 -9.29
CA GLY C 137 -4.59 12.33 -10.25
C GLY C 137 -5.16 12.16 -11.64
N THR C 138 -4.38 12.56 -12.63
CA THR C 138 -4.84 12.60 -14.01
C THR C 138 -3.97 11.76 -14.95
N GLU C 139 -3.16 10.87 -14.41
CA GLU C 139 -2.40 9.96 -15.28
C GLU C 139 -3.32 8.89 -15.86
N LEU C 140 -2.90 8.37 -17.02
CA LEU C 140 -3.67 7.39 -17.79
C LEU C 140 -2.79 6.18 -18.04
N ASP C 141 -3.28 5.00 -17.69
CA ASP C 141 -2.59 3.74 -17.98
C ASP C 141 -3.10 3.21 -19.31
N CYS C 142 -2.25 3.22 -20.33
CA CYS C 142 -2.61 2.70 -21.63
C CYS C 142 -2.41 1.20 -21.75
N GLY C 143 -1.85 0.56 -20.73
CA GLY C 143 -1.70 -0.88 -20.72
C GLY C 143 -0.60 -1.37 -21.66
N ILE C 144 -0.48 -2.70 -21.75
CA ILE C 144 0.50 -3.35 -22.60
C ILE C 144 -0.06 -4.71 -22.97
N GLU C 145 0.00 -5.06 -24.25
CA GLU C 145 -0.59 -6.30 -24.72
C GLU C 145 0.20 -7.50 -24.22
N THR C 146 -0.52 -8.52 -23.76
CA THR C 146 0.11 -9.76 -23.33
C THR C 146 0.30 -10.72 -24.50
N HIS D 10 5.01 -0.94 26.41
CA HIS D 10 4.41 -1.86 25.45
C HIS D 10 3.31 -1.18 24.62
N LYS D 11 3.70 -0.22 23.80
CA LYS D 11 2.78 0.51 22.94
C LYS D 11 2.74 -0.13 21.55
N ILE D 12 1.76 0.32 20.76
CA ILE D 12 1.73 0.07 19.32
C ILE D 12 1.72 1.42 18.62
N PRO D 13 2.14 1.48 17.36
CA PRO D 13 2.03 2.73 16.61
C PRO D 13 0.56 3.15 16.50
N VAL D 14 0.34 4.47 16.55
CA VAL D 14 -0.99 5.02 16.34
C VAL D 14 -1.44 4.84 14.90
N GLU D 15 -0.51 4.67 13.95
CA GLU D 15 -0.90 4.45 12.56
C GLU D 15 -1.10 2.97 12.24
N ALA D 16 -1.08 2.10 13.26
CA ALA D 16 -1.13 0.67 13.04
C ALA D 16 -2.55 0.19 12.85
N ASP D 17 -2.70 -0.90 12.11
CA ASP D 17 -3.98 -1.61 11.93
C ASP D 17 -4.96 -0.80 11.07
N PHE D 18 -4.43 -0.02 10.14
CA PHE D 18 -5.21 0.59 9.08
C PHE D 18 -4.98 -0.19 7.80
N LEU D 19 -6.04 -0.34 7.00
CA LEU D 19 -5.91 -0.88 5.66
C LEU D 19 -6.61 0.07 4.70
N TYR D 20 -5.91 0.48 3.64
CA TYR D 20 -6.46 1.40 2.64
C TYR D 20 -6.56 0.65 1.32
N ALA D 21 -7.79 0.44 0.87
CA ALA D 21 -8.05 -0.23 -0.40
C ALA D 21 -8.39 0.84 -1.42
N TYR D 22 -7.39 1.32 -2.15
CA TYR D 22 -7.63 2.33 -3.19
C TYR D 22 -7.99 1.64 -4.50
N SER D 23 -8.90 2.25 -5.24
CA SER D 23 -9.38 1.74 -6.53
C SER D 23 -8.35 1.82 -7.65
N THR D 24 -7.21 2.47 -7.41
CA THR D 24 -6.32 2.84 -8.50
C THR D 24 -4.98 3.29 -7.92
N ALA D 25 -3.94 3.18 -8.74
CA ALA D 25 -2.59 3.48 -8.32
C ALA D 25 -2.41 4.98 -8.08
N PRO D 26 -1.41 5.36 -7.26
CA PRO D 26 -1.16 6.79 -7.00
C PRO D 26 -0.94 7.58 -8.28
N GLY D 27 -1.54 8.76 -8.34
CA GLY D 27 -1.39 9.64 -9.49
C GLY D 27 -2.39 9.43 -10.60
N TYR D 28 -3.14 8.32 -10.61
CA TYR D 28 -3.91 7.88 -11.78
C TYR D 28 -5.40 8.14 -11.65
N TYR D 29 -6.07 8.20 -12.81
CA TYR D 29 -7.52 8.20 -12.84
C TYR D 29 -8.08 6.87 -12.34
N SER D 30 -9.30 6.93 -11.82
CA SER D 30 -10.11 5.75 -11.53
C SER D 30 -11.33 5.73 -12.44
N TRP D 31 -11.65 4.57 -12.98
CA TRP D 31 -12.70 4.49 -14.00
C TRP D 31 -14.00 3.93 -13.42
N ARG D 32 -15.11 4.37 -14.00
CA ARG D 32 -16.45 4.03 -13.54
C ARG D 32 -17.35 3.86 -14.74
N ASN D 33 -18.16 2.79 -14.72
CA ASN D 33 -19.17 2.58 -15.76
C ASN D 33 -20.45 3.33 -15.38
N SER D 34 -20.97 4.10 -16.32
CA SER D 34 -22.10 4.99 -16.04
C SER D 34 -23.33 4.23 -15.57
N LYS D 35 -23.49 2.97 -15.98
CA LYS D 35 -24.62 2.18 -15.54
C LYS D 35 -24.23 1.11 -14.52
N ASP D 36 -23.17 0.35 -14.80
CA ASP D 36 -22.84 -0.80 -13.98
C ASP D 36 -22.15 -0.43 -12.67
N GLY D 37 -21.54 0.73 -12.59
CA GLY D 37 -20.81 1.15 -11.41
C GLY D 37 -19.31 1.14 -11.64
N SER D 38 -18.57 1.54 -10.61
CA SER D 38 -17.13 1.63 -10.74
C SER D 38 -16.50 0.24 -10.78
N TRP D 39 -15.53 0.08 -11.69
CA TRP D 39 -14.78 -1.16 -11.83
C TRP D 39 -14.38 -1.74 -10.48
N PHE D 40 -13.90 -0.88 -9.59
CA PHE D 40 -13.30 -1.37 -8.36
C PHE D 40 -14.36 -1.93 -7.42
N ILE D 41 -15.46 -1.21 -7.23
CA ILE D 41 -16.50 -1.63 -6.28
C ILE D 41 -17.24 -2.85 -6.81
N GLN D 42 -17.54 -2.87 -8.11
CA GLN D 42 -18.05 -4.05 -8.78
C GLN D 42 -17.21 -5.26 -8.43
N SER D 43 -15.91 -5.15 -8.67
CA SER D 43 -15.03 -6.30 -8.47
C SER D 43 -14.90 -6.64 -6.99
N LEU D 44 -14.80 -5.63 -6.13
CA LEU D 44 -14.71 -5.88 -4.69
C LEU D 44 -15.95 -6.58 -4.15
N CYS D 45 -17.13 -6.25 -4.69
CA CYS D 45 -18.33 -6.91 -4.20
C CYS D 45 -18.43 -8.33 -4.73
N ALA D 46 -18.06 -8.54 -5.99
CA ALA D 46 -18.02 -9.89 -6.52
C ALA D 46 -17.03 -10.75 -5.73
N MET D 47 -15.82 -10.24 -5.54
CA MET D 47 -14.77 -11.03 -4.91
C MET D 47 -15.15 -11.36 -3.46
N LEU D 48 -15.75 -10.41 -2.74
CA LEU D 48 -16.15 -10.67 -1.36
C LEU D 48 -17.27 -11.73 -1.31
N LYS D 49 -18.23 -11.65 -2.23
CA LYS D 49 -19.31 -12.65 -2.26
C LYS D 49 -18.77 -14.03 -2.54
N GLN D 50 -17.84 -14.16 -3.49
CA GLN D 50 -17.28 -15.45 -3.84
C GLN D 50 -16.33 -16.01 -2.78
N TYR D 51 -15.52 -15.16 -2.12
CA TYR D 51 -14.39 -15.68 -1.36
C TYR D 51 -14.29 -15.29 0.11
N ALA D 52 -15.24 -14.52 0.65
CA ALA D 52 -15.16 -14.15 2.06
C ALA D 52 -15.31 -15.35 2.96
N ASP D 53 -15.85 -16.46 2.45
CA ASP D 53 -15.91 -17.71 3.17
C ASP D 53 -14.69 -18.61 2.97
N LYS D 54 -13.78 -18.29 2.06
CA LYS D 54 -12.64 -19.18 1.80
C LYS D 54 -11.26 -18.58 2.00
N LEU D 55 -11.10 -17.25 2.00
CA LEU D 55 -9.79 -16.63 1.89
C LEU D 55 -9.61 -15.48 2.87
N GLU D 56 -8.36 -15.24 3.22
CA GLU D 56 -7.96 -14.06 3.98
C GLU D 56 -8.17 -12.79 3.15
N PHE D 57 -8.42 -11.68 3.86
CA PHE D 57 -8.83 -10.45 3.19
C PHE D 57 -7.82 -10.01 2.16
N MET D 58 -6.53 -10.03 2.50
CA MET D 58 -5.50 -9.56 1.57
C MET D 58 -5.50 -10.37 0.28
N HIS D 59 -5.77 -11.68 0.38
CA HIS D 59 -5.88 -12.51 -0.82
C HIS D 59 -7.16 -12.21 -1.58
N ILE D 60 -8.23 -11.81 -0.89
CA ILE D 60 -9.42 -11.35 -1.59
C ILE D 60 -9.09 -10.09 -2.37
N LEU D 61 -8.34 -9.18 -1.77
CA LEU D 61 -8.04 -7.90 -2.44
C LEU D 61 -7.11 -8.11 -3.62
N THR D 62 -6.28 -9.16 -3.58
CA THR D 62 -5.42 -9.49 -4.70
C THR D 62 -6.21 -10.04 -5.89
N ARG D 63 -7.26 -10.83 -5.61
CA ARG D 63 -8.15 -11.23 -6.68
C ARG D 63 -8.87 -10.01 -7.25
N VAL D 64 -9.24 -9.05 -6.39
CA VAL D 64 -9.79 -7.78 -6.89
C VAL D 64 -8.81 -7.14 -7.86
N ASN D 65 -7.54 -6.97 -7.44
CA ASN D 65 -6.54 -6.39 -8.33
C ASN D 65 -6.55 -7.10 -9.69
N ARG D 66 -6.61 -8.44 -9.67
CA ARG D 66 -6.52 -9.19 -10.91
C ARG D 66 -7.78 -9.03 -11.76
N LYS D 67 -8.95 -9.04 -11.13
CA LYS D 67 -10.18 -8.84 -11.90
C LYS D 67 -10.17 -7.50 -12.60
N VAL D 68 -9.95 -6.42 -11.84
CA VAL D 68 -9.89 -5.09 -12.44
C VAL D 68 -8.79 -5.03 -13.51
N ALA D 69 -7.61 -5.54 -13.17
CA ALA D 69 -6.48 -5.41 -14.09
C ALA D 69 -6.74 -6.10 -15.42
N THR D 70 -7.35 -7.29 -15.40
CA THR D 70 -7.45 -8.09 -16.62
C THR D 70 -8.79 -7.97 -17.34
N GLU D 71 -9.90 -7.75 -16.64
CA GLU D 71 -11.20 -7.85 -17.29
C GLU D 71 -11.74 -6.53 -17.80
N PHE D 72 -11.16 -5.40 -17.39
CA PHE D 72 -11.74 -4.10 -17.63
C PHE D 72 -10.85 -3.30 -18.56
N GLU D 73 -11.50 -2.55 -19.45
CA GLU D 73 -10.79 -1.66 -20.37
C GLU D 73 -11.77 -0.59 -20.78
N SER D 74 -11.37 0.67 -20.68
CA SER D 74 -12.33 1.75 -20.81
C SER D 74 -12.89 1.79 -22.24
N PHE D 75 -14.12 2.29 -22.35
CA PHE D 75 -14.79 2.49 -23.64
C PHE D 75 -15.30 3.91 -23.67
N SER D 76 -14.77 4.71 -24.59
CA SER D 76 -15.05 6.14 -24.62
C SER D 76 -15.13 6.63 -26.06
N PHE D 77 -16.15 7.44 -26.35
CA PHE D 77 -16.20 8.09 -27.65
C PHE D 77 -15.04 9.09 -27.79
N ASP D 78 -14.57 9.61 -26.66
CA ASP D 78 -13.40 10.49 -26.63
C ASP D 78 -12.14 9.62 -26.67
N ALA D 79 -11.42 9.66 -27.80
CA ALA D 79 -10.27 8.77 -27.98
C ALA D 79 -9.20 8.99 -26.92
N THR D 80 -9.13 10.17 -26.32
CA THR D 80 -8.15 10.41 -25.27
C THR D 80 -8.34 9.44 -24.11
N PHE D 81 -9.59 9.13 -23.79
CA PHE D 81 -9.94 8.33 -22.62
C PHE D 81 -10.31 6.89 -22.94
N HIS D 82 -9.92 6.38 -24.10
CA HIS D 82 -10.46 5.12 -24.58
C HIS D 82 -9.39 4.03 -24.57
N ALA D 83 -9.80 2.81 -24.22
CA ALA D 83 -8.93 1.65 -24.04
C ALA D 83 -7.91 1.84 -22.91
N LYS D 84 -8.33 2.47 -21.82
CA LYS D 84 -7.42 2.68 -20.71
C LYS D 84 -7.54 1.54 -19.70
N LYS D 85 -6.53 1.42 -18.83
CA LYS D 85 -6.47 0.33 -17.87
C LYS D 85 -6.32 0.87 -16.45
N GLN D 86 -6.39 -0.03 -15.48
CA GLN D 86 -6.46 0.38 -14.09
C GLN D 86 -5.98 -0.77 -13.20
N ILE D 87 -5.11 -0.46 -12.27
CA ILE D 87 -4.68 -1.41 -11.24
C ILE D 87 -5.01 -0.78 -9.88
N PRO D 88 -5.75 -1.46 -9.02
CA PRO D 88 -6.00 -0.90 -7.68
C PRO D 88 -4.74 -1.00 -6.82
N CYS D 89 -4.82 -0.41 -5.64
CA CYS D 89 -3.67 -0.19 -4.77
C CYS D 89 -3.99 -0.60 -3.32
N ILE D 90 -3.46 -1.71 -2.87
CA ILE D 90 -3.69 -2.16 -1.50
C ILE D 90 -2.59 -1.60 -0.62
N VAL D 91 -2.97 -0.77 0.36
CA VAL D 91 -2.03 -0.15 1.28
C VAL D 91 -2.38 -0.65 2.68
N SER D 92 -1.55 -1.55 3.19
CA SER D 92 -1.85 -2.29 4.41
C SER D 92 -0.83 -1.98 5.49
N MET D 93 -1.32 -1.40 6.59
CA MET D 93 -0.60 -1.31 7.84
C MET D 93 -1.22 -2.21 8.88
N LEU D 94 -1.81 -3.33 8.46
CA LEU D 94 -2.39 -4.28 9.37
C LEU D 94 -1.30 -5.12 10.01
N THR D 95 -1.57 -5.62 11.21
CA THR D 95 -0.61 -6.43 11.95
C THR D 95 -1.04 -7.89 12.11
N LYS D 96 -2.24 -8.26 11.66
CA LYS D 96 -2.67 -9.65 11.71
C LYS D 96 -3.49 -9.94 10.45
N GLU D 97 -3.70 -11.22 10.19
CA GLU D 97 -4.55 -11.60 9.08
C GLU D 97 -6.02 -11.34 9.44
N LEU D 98 -6.83 -11.08 8.42
CA LEU D 98 -8.23 -10.73 8.62
C LEU D 98 -9.12 -11.74 7.90
N TYR D 99 -9.87 -12.52 8.67
CA TYR D 99 -10.79 -13.53 8.13
C TYR D 99 -12.22 -13.16 8.48
N PHE D 100 -13.08 -13.10 7.48
CA PHE D 100 -14.48 -12.77 7.73
C PHE D 100 -15.32 -13.98 8.12
N TYR D 101 -14.75 -15.18 8.10
CA TYR D 101 -15.52 -16.40 8.39
C TYR D 101 -15.16 -16.97 9.75
N ILE E 2 22.55 2.80 19.94
CA ILE E 2 21.48 3.81 19.91
C ILE E 2 20.52 3.65 18.71
N THR E 3 19.27 4.13 18.85
CA THR E 3 18.36 4.24 17.73
C THR E 3 18.58 5.59 17.05
N VAL E 4 18.62 5.59 15.72
CA VAL E 4 18.75 6.81 14.92
C VAL E 4 17.74 6.73 13.77
N LYS E 5 17.44 7.87 13.17
CA LYS E 5 16.41 7.98 12.15
C LYS E 5 17.01 8.02 10.75
N ASP E 6 16.20 7.60 9.78
CA ASP E 6 16.60 7.51 8.37
C ASP E 6 15.85 8.51 7.47
N ILE F 2 -21.03 4.19 -21.28
CA ILE F 2 -19.59 4.31 -21.49
C ILE F 2 -18.82 4.45 -20.17
N THR F 3 -17.50 4.39 -20.25
CA THR F 3 -16.62 4.59 -19.10
C THR F 3 -16.37 6.09 -18.91
N VAL F 4 -16.36 6.53 -17.66
CA VAL F 4 -15.98 7.90 -17.30
C VAL F 4 -15.04 7.84 -16.10
N LYS F 5 -14.26 8.91 -15.94
CA LYS F 5 -13.21 8.98 -14.94
C LYS F 5 -13.71 9.64 -13.66
N ASP F 6 -13.20 9.17 -12.53
CA ASP F 6 -13.51 9.74 -11.22
C ASP F 6 -12.37 10.64 -10.71
#